data_1J4N
#
_entry.id   1J4N
#
_cell.length_a   93.331
_cell.length_b   93.331
_cell.length_c   180.49
_cell.angle_alpha   90.0
_cell.angle_beta   90.0
_cell.angle_gamma   90.0
#
_symmetry.space_group_name_H-M   'I 4 2 2'
#
loop_
_entity.id
_entity.type
_entity.pdbx_description
1 polymer 'AQUAPORIN 1'
2 non-polymer 'nonyl beta-D-glucopyranoside'
3 water water
#
_entity_poly.entity_id   1
_entity_poly.type   'polypeptide(L)'
_entity_poly.pdbx_seq_one_letter_code
;MASEFKKKLFWRAVVAEFLAMILFIFISIGSALGFHYPIKSNQTTGAVQDNVKVSLAFGLSIATLAQSVGHISGAHLNPA
VTLGLLLSCQISVLRAIMYIIAQCVGAIVATAILSGITSSLPDNSLGLNALAPGVNSGQGLGIEIIGTLQLVLCVLATTD
RRRRDLGGSGPLAIGFSVALGHLLAIDYTGCGINPARSFGSSVITHNFQDHWIFWVGPFIGAALAVLIYDFILAPRSSDL
TDRVKVWTSGQVEEYDLDADDINSRVEMKPK
;
_entity_poly.pdbx_strand_id   A
#
# COMPACT_ATOMS: atom_id res chain seq x y z
N MET A 1 12.73 0.76 -24.35
CA MET A 1 12.13 1.31 -25.59
C MET A 1 11.24 2.51 -25.27
N ALA A 2 11.38 3.56 -26.07
CA ALA A 2 10.60 4.77 -25.88
C ALA A 2 10.06 5.27 -27.22
N SER A 3 9.31 4.41 -27.91
CA SER A 3 8.75 4.75 -29.20
C SER A 3 7.28 4.33 -29.32
N GLU A 4 6.65 4.75 -30.41
CA GLU A 4 5.25 4.44 -30.67
C GLU A 4 4.36 4.50 -29.42
N PHE A 5 3.44 3.56 -29.29
CA PHE A 5 2.54 3.55 -28.15
C PHE A 5 3.17 3.00 -26.87
N LYS A 6 4.48 2.80 -26.89
CA LYS A 6 5.17 2.30 -25.70
C LYS A 6 5.03 3.45 -24.71
N LYS A 7 4.60 4.59 -25.24
CA LYS A 7 4.36 5.79 -24.44
C LYS A 7 2.99 5.56 -23.83
N LYS A 8 2.02 5.28 -24.70
CA LYS A 8 0.64 5.02 -24.31
C LYS A 8 0.55 4.03 -23.14
N LEU A 9 0.88 2.78 -23.41
CA LEU A 9 0.83 1.74 -22.38
C LEU A 9 1.34 2.25 -21.05
N PHE A 10 2.51 2.89 -21.08
CA PHE A 10 3.11 3.44 -19.86
C PHE A 10 2.16 4.38 -19.13
N TRP A 11 1.76 5.46 -19.78
CA TRP A 11 0.85 6.40 -19.16
C TRP A 11 -0.44 5.75 -18.70
N ARG A 12 -0.93 4.77 -19.46
CA ARG A 12 -2.16 4.08 -19.10
C ARG A 12 -1.96 3.39 -17.76
N ALA A 13 -0.74 2.90 -17.53
CA ALA A 13 -0.43 2.26 -16.27
C ALA A 13 -0.52 3.34 -15.19
N VAL A 14 0.41 4.29 -15.24
CA VAL A 14 0.43 5.39 -14.28
C VAL A 14 -0.98 5.86 -13.95
N VAL A 15 -1.77 6.11 -14.99
CA VAL A 15 -3.15 6.55 -14.82
C VAL A 15 -4.02 5.50 -14.12
N ALA A 16 -3.91 4.24 -14.54
CA ALA A 16 -4.69 3.17 -13.91
C ALA A 16 -4.24 3.04 -12.46
N GLU A 17 -2.95 3.24 -12.26
CA GLU A 17 -2.37 3.16 -10.94
C GLU A 17 -2.86 4.32 -10.10
N PHE A 18 -3.19 5.42 -10.78
CA PHE A 18 -3.68 6.61 -10.09
C PHE A 18 -5.15 6.49 -9.78
N LEU A 19 -5.93 6.04 -10.76
CA LEU A 19 -7.36 5.89 -10.52
C LEU A 19 -7.64 4.79 -9.49
N ALA A 20 -6.94 3.66 -9.62
CA ALA A 20 -7.13 2.56 -8.71
C ALA A 20 -6.83 2.93 -7.26
N MET A 21 -5.87 3.82 -7.04
CA MET A 21 -5.55 4.23 -5.67
C MET A 21 -6.71 5.02 -5.09
N ILE A 22 -7.42 5.74 -5.94
CA ILE A 22 -8.53 6.52 -5.45
C ILE A 22 -9.59 5.59 -4.87
N LEU A 23 -9.99 4.58 -5.63
CA LEU A 23 -10.99 3.63 -5.16
C LEU A 23 -10.49 2.94 -3.89
N PHE A 24 -9.23 2.54 -3.92
CA PHE A 24 -8.64 1.87 -2.78
C PHE A 24 -8.88 2.63 -1.48
N ILE A 25 -8.30 3.83 -1.39
CA ILE A 25 -8.43 4.66 -0.21
C ILE A 25 -9.88 5.00 0.10
N PHE A 26 -10.64 5.41 -0.90
CA PHE A 26 -12.01 5.77 -0.61
C PHE A 26 -12.76 4.62 0.05
N ILE A 27 -12.66 3.44 -0.53
CA ILE A 27 -13.31 2.25 0.00
C ILE A 27 -12.79 1.87 1.38
N SER A 28 -11.48 1.67 1.50
CA SER A 28 -10.86 1.26 2.76
C SER A 28 -10.99 2.23 3.94
N ILE A 29 -10.47 3.44 3.81
CA ILE A 29 -10.62 4.39 4.90
C ILE A 29 -12.12 4.63 5.05
N GLY A 30 -12.84 4.53 3.94
CA GLY A 30 -14.27 4.71 3.98
C GLY A 30 -14.90 3.69 4.91
N SER A 31 -14.38 2.47 4.89
CA SER A 31 -14.89 1.39 5.74
C SER A 31 -14.48 1.60 7.18
N ALA A 32 -13.23 1.99 7.40
CA ALA A 32 -12.71 2.24 8.73
C ALA A 32 -13.49 3.31 9.52
N LEU A 33 -13.94 4.35 8.86
CA LEU A 33 -14.67 5.41 9.56
C LEU A 33 -16.13 5.06 9.79
N GLY A 34 -16.59 4.01 9.11
CA GLY A 34 -17.98 3.62 9.24
C GLY A 34 -18.51 3.28 10.62
N PHE A 35 -17.66 2.87 11.55
CA PHE A 35 -18.16 2.51 12.86
C PHE A 35 -18.55 3.73 13.68
N HIS A 36 -17.99 4.88 13.35
CA HIS A 36 -18.30 6.13 14.03
C HIS A 36 -19.70 6.57 13.64
N TYR A 37 -20.49 5.68 13.04
CA TYR A 37 -21.81 6.11 12.61
C TYR A 37 -23.08 5.67 13.32
N PRO A 38 -23.19 6.01 14.61
CA PRO A 38 -24.35 5.70 15.45
C PRO A 38 -25.04 7.07 15.55
N ILE A 39 -24.36 8.07 15.03
CA ILE A 39 -24.77 9.47 15.01
C ILE A 39 -26.27 9.73 14.89
N LYS A 40 -26.73 10.71 15.67
CA LYS A 40 -28.13 11.12 15.67
C LYS A 40 -28.22 12.48 16.36
N SER A 41 -27.29 13.37 16.03
CA SER A 41 -27.24 14.71 16.59
C SER A 41 -26.99 14.70 18.10
N ASN A 42 -26.63 13.53 18.63
CA ASN A 42 -26.36 13.39 20.06
C ASN A 42 -24.86 13.16 20.28
N GLN A 43 -24.50 12.75 21.49
CA GLN A 43 -23.10 12.51 21.82
C GLN A 43 -22.98 11.66 23.07
N THR A 44 -23.42 10.40 22.99
CA THR A 44 -23.37 9.48 24.13
C THR A 44 -22.62 8.20 23.77
N THR A 45 -21.48 7.98 24.43
CA THR A 45 -20.65 6.80 24.20
C THR A 45 -20.32 6.57 22.72
N GLY A 46 -19.78 5.39 22.41
CA GLY A 46 -19.43 5.07 21.03
C GLY A 46 -19.21 3.59 20.78
N ALA A 47 -19.23 3.20 19.51
CA ALA A 47 -19.03 1.81 19.12
C ALA A 47 -17.57 1.39 19.06
N VAL A 48 -17.33 0.08 19.15
CA VAL A 48 -15.99 -0.48 19.12
C VAL A 48 -15.61 -0.93 17.70
N GLN A 49 -14.51 -0.39 17.18
CA GLN A 49 -14.01 -0.73 15.85
C GLN A 49 -13.89 -2.24 15.64
N ASP A 50 -14.20 -2.68 14.43
CA ASP A 50 -14.13 -4.09 14.06
C ASP A 50 -12.88 -4.29 13.24
N ASN A 51 -11.89 -5.02 13.76
CA ASN A 51 -10.63 -5.22 13.04
C ASN A 51 -10.67 -6.15 11.85
N VAL A 52 -11.65 -7.06 11.84
CA VAL A 52 -11.77 -7.96 10.72
C VAL A 52 -12.39 -7.16 9.57
N LYS A 53 -13.42 -6.40 9.91
CA LYS A 53 -14.11 -5.56 8.94
C LYS A 53 -13.07 -4.69 8.22
N VAL A 54 -12.26 -3.97 8.99
CA VAL A 54 -11.25 -3.09 8.39
C VAL A 54 -10.18 -3.86 7.63
N SER A 55 -9.63 -4.90 8.23
CA SER A 55 -8.60 -5.66 7.52
C SER A 55 -9.16 -6.21 6.18
N LEU A 56 -10.38 -6.72 6.17
CA LEU A 56 -10.91 -7.22 4.91
C LEU A 56 -11.16 -6.06 3.92
N ALA A 57 -11.60 -4.92 4.43
CA ALA A 57 -11.85 -3.78 3.56
C ALA A 57 -10.61 -3.44 2.75
N PHE A 58 -9.48 -3.33 3.44
CA PHE A 58 -8.22 -3.03 2.79
C PHE A 58 -7.76 -4.16 1.87
N GLY A 59 -7.74 -5.38 2.41
CA GLY A 59 -7.28 -6.52 1.64
C GLY A 59 -8.12 -6.81 0.40
N LEU A 60 -9.44 -6.82 0.54
CA LEU A 60 -10.29 -7.09 -0.60
C LEU A 60 -10.25 -5.94 -1.60
N SER A 61 -9.97 -4.73 -1.12
CA SER A 61 -9.88 -3.59 -2.04
C SER A 61 -8.77 -3.91 -3.01
N ILE A 62 -7.63 -4.36 -2.47
CA ILE A 62 -6.46 -4.72 -3.25
C ILE A 62 -6.72 -5.94 -4.16
N ALA A 63 -7.29 -6.99 -3.59
CA ALA A 63 -7.61 -8.19 -4.36
C ALA A 63 -8.44 -7.74 -5.57
N THR A 64 -9.46 -6.95 -5.31
CA THR A 64 -10.34 -6.48 -6.38
C THR A 64 -9.65 -5.58 -7.38
N LEU A 65 -8.95 -4.57 -6.86
CA LEU A 65 -8.22 -3.64 -7.71
C LEU A 65 -7.11 -4.33 -8.50
N ALA A 66 -6.41 -5.28 -7.88
CA ALA A 66 -5.33 -6.00 -8.59
C ALA A 66 -5.92 -6.82 -9.73
N GLN A 67 -7.13 -7.29 -9.51
CA GLN A 67 -7.87 -8.08 -10.48
C GLN A 67 -8.39 -7.18 -11.61
N SER A 68 -8.81 -5.97 -11.22
CA SER A 68 -9.36 -5.01 -12.18
C SER A 68 -8.37 -4.32 -13.12
N VAL A 69 -7.17 -3.99 -12.61
CA VAL A 69 -6.18 -3.30 -13.43
C VAL A 69 -4.77 -3.87 -13.30
N GLY A 70 -4.64 -5.03 -12.65
CA GLY A 70 -3.33 -5.64 -12.49
C GLY A 70 -2.62 -5.91 -13.81
N HIS A 71 -3.37 -6.18 -14.87
CA HIS A 71 -2.77 -6.44 -16.18
C HIS A 71 -2.28 -5.16 -16.87
N ILE A 72 -2.84 -4.03 -16.45
CA ILE A 72 -2.51 -2.72 -17.02
C ILE A 72 -1.27 -2.06 -16.40
N SER A 73 -1.17 -2.07 -15.08
CA SER A 73 -0.03 -1.45 -14.41
C SER A 73 0.74 -2.36 -13.47
N GLY A 74 0.17 -3.52 -13.13
CA GLY A 74 0.84 -4.41 -12.21
C GLY A 74 0.18 -4.25 -10.84
N ALA A 75 -0.75 -3.29 -10.77
CA ALA A 75 -1.51 -2.99 -9.56
C ALA A 75 -0.68 -2.84 -8.30
N HIS A 76 0.32 -1.96 -8.34
CA HIS A 76 1.17 -1.73 -7.18
C HIS A 76 0.39 -1.03 -6.07
N LEU A 77 -0.08 0.16 -6.37
CA LEU A 77 -0.87 0.94 -5.43
C LEU A 77 -0.16 1.12 -4.08
N ASN A 78 1.17 1.05 -4.08
CA ASN A 78 1.88 1.17 -2.82
C ASN A 78 3.39 1.31 -3.02
N PRO A 79 3.95 2.49 -2.69
CA PRO A 79 5.38 2.79 -2.82
C PRO A 79 6.26 1.68 -2.24
N ALA A 80 5.83 1.08 -1.15
CA ALA A 80 6.63 0.00 -0.57
C ALA A 80 6.68 -1.19 -1.54
N VAL A 81 5.63 -1.39 -2.33
CA VAL A 81 5.60 -2.49 -3.31
C VAL A 81 6.42 -2.06 -4.51
N THR A 82 6.11 -0.88 -5.03
CA THR A 82 6.85 -0.35 -6.16
C THR A 82 8.34 -0.38 -5.85
N LEU A 83 8.71 0.27 -4.75
CA LEU A 83 10.09 0.33 -4.31
C LEU A 83 10.61 -1.09 -4.22
N GLY A 84 9.74 -2.01 -3.82
CA GLY A 84 10.15 -3.39 -3.72
C GLY A 84 10.56 -3.95 -5.06
N LEU A 85 9.75 -3.65 -6.07
CA LEU A 85 10.04 -4.14 -7.41
C LEU A 85 11.31 -3.48 -7.94
N LEU A 86 11.35 -2.15 -7.86
CA LEU A 86 12.51 -1.37 -8.32
C LEU A 86 13.82 -2.00 -7.86
N LEU A 87 14.00 -2.16 -6.56
CA LEU A 87 15.24 -2.75 -6.03
C LEU A 87 15.45 -4.17 -6.53
N SER A 88 14.38 -4.78 -7.04
CA SER A 88 14.46 -6.14 -7.56
C SER A 88 14.89 -6.04 -9.02
N CYS A 89 14.96 -4.80 -9.50
CA CYS A 89 15.35 -4.53 -10.87
C CYS A 89 14.37 -5.14 -11.84
N GLN A 90 13.09 -4.97 -11.55
CA GLN A 90 12.02 -5.49 -12.39
C GLN A 90 11.24 -4.33 -12.98
N ILE A 91 11.62 -3.12 -12.58
CA ILE A 91 10.97 -1.90 -13.04
C ILE A 91 11.97 -0.76 -13.22
N SER A 92 11.59 0.23 -14.02
CA SER A 92 12.43 1.39 -14.30
C SER A 92 12.10 2.53 -13.33
N VAL A 93 13.11 3.29 -12.93
CA VAL A 93 12.88 4.40 -12.01
C VAL A 93 11.87 5.36 -12.62
N LEU A 94 11.94 5.54 -13.93
CA LEU A 94 10.97 6.41 -14.59
C LEU A 94 9.59 5.94 -14.16
N ARG A 95 9.43 4.61 -14.08
CA ARG A 95 8.18 3.98 -13.66
C ARG A 95 7.95 4.17 -12.17
N ALA A 96 8.88 3.66 -11.36
CA ALA A 96 8.77 3.78 -9.91
C ALA A 96 8.30 5.18 -9.55
N ILE A 97 9.05 6.15 -10.04
CA ILE A 97 8.78 7.57 -9.81
C ILE A 97 7.36 7.98 -10.19
N MET A 98 7.07 7.95 -11.47
CA MET A 98 5.75 8.36 -11.95
C MET A 98 4.62 7.64 -11.20
N TYR A 99 4.90 6.41 -10.77
CA TYR A 99 3.92 5.60 -10.06
C TYR A 99 3.71 6.07 -8.62
N ILE A 100 4.80 6.17 -7.86
CA ILE A 100 4.73 6.60 -6.46
C ILE A 100 4.02 7.95 -6.32
N ILE A 101 4.07 8.76 -7.37
CA ILE A 101 3.44 10.05 -7.35
C ILE A 101 1.95 9.86 -7.61
N ALA A 102 1.62 9.02 -8.59
CA ALA A 102 0.22 8.75 -8.91
C ALA A 102 -0.41 8.17 -7.65
N GLN A 103 0.39 7.45 -6.88
CA GLN A 103 -0.07 6.85 -5.65
C GLN A 103 -0.38 7.90 -4.58
N CYS A 104 0.65 8.60 -4.09
CA CYS A 104 0.46 9.64 -3.07
C CYS A 104 -0.64 10.61 -3.47
N VAL A 105 -0.69 11.00 -4.74
CA VAL A 105 -1.74 11.92 -5.17
C VAL A 105 -3.12 11.30 -5.05
N GLY A 106 -3.26 10.06 -5.51
CA GLY A 106 -4.54 9.38 -5.44
C GLY A 106 -5.01 9.30 -3.99
N ALA A 107 -4.06 9.00 -3.12
CA ALA A 107 -4.33 8.91 -1.69
C ALA A 107 -4.83 10.29 -1.27
N ILE A 108 -3.97 11.29 -1.48
CA ILE A 108 -4.27 12.68 -1.16
C ILE A 108 -5.63 13.07 -1.72
N VAL A 109 -5.90 12.70 -2.96
CA VAL A 109 -7.16 13.02 -3.59
C VAL A 109 -8.30 12.30 -2.90
N ALA A 110 -8.14 10.99 -2.68
CA ALA A 110 -9.17 10.18 -2.05
C ALA A 110 -9.44 10.58 -0.61
N THR A 111 -8.37 10.68 0.17
CA THR A 111 -8.48 11.07 1.56
C THR A 111 -9.21 12.40 1.67
N ALA A 112 -9.14 13.19 0.61
CA ALA A 112 -9.77 14.51 0.58
C ALA A 112 -11.21 14.49 0.10
N ILE A 113 -11.60 13.44 -0.60
CA ILE A 113 -12.98 13.34 -1.08
C ILE A 113 -13.84 12.78 0.05
N LEU A 114 -13.20 12.06 0.97
CA LEU A 114 -13.88 11.47 2.11
C LEU A 114 -14.23 12.56 3.12
N SER A 115 -13.31 13.51 3.26
CA SER A 115 -13.49 14.63 4.18
C SER A 115 -14.88 15.20 3.97
N GLY A 116 -15.29 15.27 2.72
CA GLY A 116 -16.62 15.78 2.41
C GLY A 116 -17.68 14.74 2.70
N ILE A 117 -17.42 13.51 2.27
CA ILE A 117 -18.38 12.42 2.49
C ILE A 117 -18.67 12.25 3.98
N THR A 118 -17.63 12.30 4.80
CA THR A 118 -17.79 12.11 6.23
C THR A 118 -17.60 13.38 7.07
N SER A 119 -17.74 14.54 6.45
CA SER A 119 -17.57 15.83 7.14
C SER A 119 -18.36 15.89 8.45
N SER A 120 -19.57 15.34 8.42
CA SER A 120 -20.46 15.31 9.57
C SER A 120 -19.92 14.55 10.78
N LEU A 121 -18.65 14.16 10.74
CA LEU A 121 -18.05 13.43 11.84
C LEU A 121 -17.17 14.35 12.70
N PRO A 122 -17.19 14.16 14.03
CA PRO A 122 -16.43 14.94 15.01
C PRO A 122 -14.93 15.01 14.73
N ASP A 123 -14.13 14.48 15.65
CA ASP A 123 -12.67 14.48 15.53
C ASP A 123 -12.24 13.62 14.36
N ASN A 124 -12.79 13.92 13.18
CA ASN A 124 -12.51 13.17 11.97
C ASN A 124 -11.02 13.10 11.66
N SER A 125 -10.39 11.99 12.06
CA SER A 125 -8.97 11.80 11.80
C SER A 125 -8.73 11.32 10.38
N LEU A 126 -9.81 10.96 9.69
CA LEU A 126 -9.70 10.48 8.32
C LEU A 126 -8.74 9.29 8.26
N GLY A 127 -8.85 8.40 9.24
CA GLY A 127 -8.00 7.22 9.30
C GLY A 127 -6.52 7.50 9.27
N LEU A 128 -6.09 8.59 9.87
CA LEU A 128 -4.67 8.91 9.89
C LEU A 128 -3.92 7.89 10.76
N ASN A 129 -2.76 7.46 10.28
CA ASN A 129 -1.96 6.48 11.02
C ASN A 129 -1.27 7.12 12.22
N ALA A 130 -1.59 6.63 13.41
CA ALA A 130 -1.02 7.18 14.62
C ALA A 130 -0.55 6.12 15.60
N LEU A 131 0.62 6.36 16.20
CA LEU A 131 1.19 5.44 17.17
C LEU A 131 0.18 5.33 18.32
N ALA A 132 -0.28 4.12 18.60
CA ALA A 132 -1.26 3.93 19.65
C ALA A 132 -0.69 4.03 21.05
N PRO A 133 -1.51 4.48 22.01
CA PRO A 133 -1.11 4.63 23.41
C PRO A 133 -0.55 3.33 23.97
N GLY A 134 0.75 3.30 24.22
CA GLY A 134 1.35 2.10 24.79
C GLY A 134 2.37 1.46 23.87
N VAL A 135 2.41 1.94 22.62
CA VAL A 135 3.34 1.41 21.64
C VAL A 135 4.59 2.25 21.65
N ASN A 136 5.67 1.71 22.21
CA ASN A 136 6.94 2.41 22.28
C ASN A 136 7.37 2.88 20.90
N SER A 137 6.94 4.09 20.52
CA SER A 137 7.26 4.66 19.22
C SER A 137 8.70 4.36 18.82
N GLY A 138 8.94 4.32 17.52
CA GLY A 138 10.28 4.02 17.06
C GLY A 138 10.45 2.52 17.11
N GLN A 139 10.73 1.98 18.29
CA GLN A 139 10.88 0.54 18.42
C GLN A 139 9.51 -0.09 18.18
N GLY A 140 8.52 0.78 18.00
CA GLY A 140 7.18 0.33 17.72
C GLY A 140 7.02 0.29 16.22
N LEU A 141 8.12 0.57 15.51
CA LEU A 141 8.18 0.58 14.05
C LEU A 141 8.57 -0.78 13.46
N GLY A 142 8.71 -1.77 14.34
CA GLY A 142 9.05 -3.10 13.88
C GLY A 142 7.78 -3.67 13.27
N ILE A 143 6.66 -3.07 13.63
CA ILE A 143 5.35 -3.47 13.15
C ILE A 143 5.23 -3.18 11.65
N GLU A 144 5.36 -1.91 11.28
CA GLU A 144 5.29 -1.51 9.88
C GLU A 144 6.31 -2.26 9.03
N ILE A 145 7.50 -2.46 9.60
CA ILE A 145 8.56 -3.16 8.90
C ILE A 145 8.18 -4.60 8.56
N ILE A 146 7.63 -5.31 9.54
CA ILE A 146 7.25 -6.70 9.31
C ILE A 146 6.00 -6.76 8.43
N GLY A 147 5.06 -5.86 8.71
CA GLY A 147 3.83 -5.83 7.95
C GLY A 147 4.04 -5.60 6.47
N THR A 148 4.92 -4.65 6.13
CA THR A 148 5.20 -4.36 4.73
C THR A 148 6.11 -5.43 4.15
N LEU A 149 7.01 -5.94 4.98
CA LEU A 149 7.93 -6.96 4.53
C LEU A 149 7.15 -8.15 3.97
N GLN A 150 6.39 -8.80 4.83
CA GLN A 150 5.62 -9.97 4.42
C GLN A 150 4.82 -9.70 3.14
N LEU A 151 4.27 -8.49 3.02
CA LEU A 151 3.50 -8.11 1.81
C LEU A 151 4.38 -8.13 0.58
N VAL A 152 5.36 -7.24 0.55
CA VAL A 152 6.27 -7.15 -0.58
C VAL A 152 6.85 -8.51 -0.91
N LEU A 153 7.16 -9.29 0.12
CA LEU A 153 7.73 -10.61 -0.13
C LEU A 153 6.72 -11.46 -0.91
N CYS A 154 5.45 -11.37 -0.57
CA CYS A 154 4.44 -12.16 -1.25
C CYS A 154 4.36 -11.71 -2.70
N VAL A 155 4.40 -10.41 -2.92
CA VAL A 155 4.34 -9.87 -4.29
C VAL A 155 5.52 -10.33 -5.16
N LEU A 156 6.69 -10.50 -4.56
CA LEU A 156 7.87 -10.92 -5.31
C LEU A 156 7.77 -12.39 -5.69
N ALA A 157 7.28 -13.20 -4.77
CA ALA A 157 7.16 -14.62 -5.07
C ALA A 157 6.01 -14.85 -6.05
N THR A 158 4.94 -14.09 -5.90
CA THR A 158 3.75 -14.25 -6.76
C THR A 158 3.97 -13.83 -8.21
N THR A 159 4.94 -12.96 -8.44
CA THR A 159 5.22 -12.53 -9.80
C THR A 159 6.61 -13.00 -10.21
N ASP A 160 7.17 -13.96 -9.46
CA ASP A 160 8.51 -14.48 -9.73
C ASP A 160 8.76 -14.80 -11.21
N ARG A 161 7.77 -15.35 -11.91
CA ARG A 161 7.90 -15.64 -13.35
C ARG A 161 8.61 -16.94 -13.76
N ARG A 162 9.59 -17.40 -12.98
CA ARG A 162 10.30 -18.63 -13.27
C ARG A 162 9.44 -19.78 -12.76
N ARG A 163 8.46 -19.43 -11.93
CA ARG A 163 7.57 -20.42 -11.34
C ARG A 163 6.46 -20.86 -12.27
N ARG A 164 6.04 -22.11 -12.11
CA ARG A 164 4.97 -22.69 -12.88
C ARG A 164 4.16 -23.55 -11.92
N ASP A 165 4.27 -23.25 -10.62
CA ASP A 165 3.54 -23.99 -9.61
C ASP A 165 2.52 -23.12 -8.90
N LEU A 166 2.37 -21.87 -9.33
CA LEU A 166 1.35 -21.00 -8.74
C LEU A 166 0.00 -21.59 -9.13
N GLY A 167 -0.98 -21.49 -8.25
CA GLY A 167 -2.29 -22.02 -8.52
C GLY A 167 -3.26 -21.06 -7.90
N GLY A 168 -4.43 -20.87 -8.51
CA GLY A 168 -5.37 -19.93 -7.93
C GLY A 168 -5.14 -18.48 -8.38
N SER A 169 -5.70 -17.55 -7.62
CA SER A 169 -5.61 -16.13 -7.96
C SER A 169 -4.45 -15.31 -7.34
N GLY A 170 -3.60 -14.77 -8.21
CA GLY A 170 -2.50 -13.95 -7.73
C GLY A 170 -3.06 -12.78 -6.95
N PRO A 171 -4.11 -12.12 -7.48
CA PRO A 171 -4.73 -10.99 -6.79
C PRO A 171 -5.21 -11.30 -5.39
N LEU A 172 -6.01 -12.36 -5.26
CA LEU A 172 -6.56 -12.74 -3.97
C LEU A 172 -5.45 -12.98 -2.93
N ALA A 173 -4.41 -13.69 -3.33
CA ALA A 173 -3.29 -13.97 -2.41
C ALA A 173 -2.67 -12.66 -1.94
N ILE A 174 -2.43 -11.74 -2.87
CA ILE A 174 -1.82 -10.47 -2.51
C ILE A 174 -2.78 -9.69 -1.63
N GLY A 175 -4.06 -9.81 -1.93
CA GLY A 175 -5.04 -9.11 -1.13
C GLY A 175 -5.07 -9.66 0.28
N PHE A 176 -5.00 -10.98 0.43
CA PHE A 176 -5.03 -11.56 1.76
C PHE A 176 -3.79 -11.19 2.57
N SER A 177 -2.69 -10.91 1.86
CA SER A 177 -1.44 -10.49 2.48
C SER A 177 -1.73 -9.10 3.06
N VAL A 178 -2.43 -8.28 2.29
CA VAL A 178 -2.77 -6.94 2.73
C VAL A 178 -3.73 -6.95 3.92
N ALA A 179 -4.61 -7.95 3.98
CA ALA A 179 -5.51 -8.05 5.11
C ALA A 179 -4.67 -8.60 6.27
N LEU A 180 -3.79 -9.56 5.98
CA LEU A 180 -2.95 -10.12 7.04
C LEU A 180 -2.20 -8.98 7.74
N GLY A 181 -1.71 -8.02 6.96
CA GLY A 181 -0.98 -6.92 7.54
C GLY A 181 -1.77 -6.17 8.59
N HIS A 182 -3.02 -5.82 8.26
CA HIS A 182 -3.86 -5.11 9.21
C HIS A 182 -4.32 -5.94 10.41
N LEU A 183 -4.45 -7.24 10.22
CA LEU A 183 -4.86 -8.10 11.31
C LEU A 183 -3.76 -8.01 12.37
N LEU A 184 -2.57 -7.64 11.92
CA LEU A 184 -1.40 -7.50 12.79
C LEU A 184 -1.18 -6.08 13.32
N ALA A 185 -1.13 -5.12 12.41
CA ALA A 185 -0.84 -3.72 12.75
C ALA A 185 -1.96 -2.72 13.10
N ILE A 186 -3.22 -3.06 12.86
CA ILE A 186 -4.27 -2.09 13.17
C ILE A 186 -4.19 -1.54 14.59
N ASP A 187 -4.09 -2.42 15.57
CA ASP A 187 -4.02 -2.02 16.98
C ASP A 187 -2.81 -1.17 17.35
N TYR A 188 -1.64 -1.63 16.93
CA TYR A 188 -0.39 -0.98 17.24
C TYR A 188 -0.20 0.40 16.60
N THR A 189 -0.15 0.45 15.28
CA THR A 189 0.06 1.73 14.60
C THR A 189 -1.07 2.15 13.67
N GLY A 190 -2.20 1.43 13.70
CA GLY A 190 -3.29 1.76 12.80
C GLY A 190 -2.98 1.18 11.43
N CYS A 191 -1.89 0.43 11.37
CA CYS A 191 -1.42 -0.20 10.14
C CYS A 191 -1.27 0.70 8.93
N GLY A 192 -0.03 0.85 8.49
CA GLY A 192 0.25 1.64 7.32
C GLY A 192 0.75 0.76 6.20
N ILE A 193 1.93 0.18 6.37
CA ILE A 193 2.56 -0.70 5.38
C ILE A 193 2.32 -0.20 3.96
N ASN A 194 2.18 1.11 3.81
CA ASN A 194 1.90 1.68 2.50
C ASN A 194 2.06 3.20 2.61
N PRO A 195 3.28 3.72 2.44
CA PRO A 195 3.60 5.15 2.53
C PRO A 195 2.56 6.09 1.95
N ALA A 196 2.12 5.84 0.72
CA ALA A 196 1.13 6.70 0.08
C ALA A 196 -0.19 6.75 0.83
N ARG A 197 -0.61 5.63 1.40
CA ARG A 197 -1.87 5.61 2.13
C ARG A 197 -1.75 6.40 3.44
N SER A 198 -0.66 6.21 4.17
CA SER A 198 -0.47 6.96 5.40
C SER A 198 -0.44 8.45 5.00
N PHE A 199 0.45 8.76 4.07
CA PHE A 199 0.64 10.12 3.57
C PHE A 199 -0.65 10.84 3.22
N GLY A 200 -1.53 10.16 2.48
CA GLY A 200 -2.77 10.78 2.07
C GLY A 200 -3.61 11.31 3.21
N SER A 201 -3.61 10.60 4.34
CA SER A 201 -4.41 11.04 5.45
C SER A 201 -3.72 12.15 6.24
N SER A 202 -2.44 11.96 6.51
CA SER A 202 -1.69 12.95 7.26
C SER A 202 -1.64 14.33 6.58
N VAL A 203 -1.85 14.40 5.26
CA VAL A 203 -1.82 15.70 4.59
C VAL A 203 -3.16 16.42 4.65
N ILE A 204 -4.24 15.70 4.37
CA ILE A 204 -5.57 16.31 4.42
C ILE A 204 -5.95 16.58 5.88
N THR A 205 -5.04 16.25 6.79
CA THR A 205 -5.28 16.45 8.22
C THR A 205 -4.13 17.21 8.87
N HIS A 206 -3.16 17.60 8.06
CA HIS A 206 -2.01 18.36 8.54
C HIS A 206 -1.37 17.77 9.79
N ASN A 207 -1.58 16.48 10.03
CA ASN A 207 -1.00 15.84 11.20
C ASN A 207 0.09 14.91 10.70
N PHE A 208 1.34 15.31 10.87
CA PHE A 208 2.46 14.50 10.43
C PHE A 208 3.26 13.95 11.59
N GLN A 209 2.62 13.88 12.75
CA GLN A 209 3.27 13.37 13.95
C GLN A 209 3.85 11.97 13.72
N ASP A 210 5.17 11.86 13.73
CA ASP A 210 5.85 10.59 13.53
C ASP A 210 5.63 9.98 12.15
N HIS A 211 4.90 10.70 11.31
CA HIS A 211 4.59 10.26 9.97
C HIS A 211 5.78 9.61 9.28
N TRP A 212 6.99 9.90 9.76
CA TRP A 212 8.19 9.33 9.15
C TRP A 212 8.24 7.80 9.28
N ILE A 213 7.77 7.27 10.40
CA ILE A 213 7.77 5.82 10.62
C ILE A 213 6.99 5.05 9.56
N PHE A 214 6.14 5.76 8.82
CA PHE A 214 5.31 5.13 7.81
C PHE A 214 5.93 5.13 6.42
N TRP A 215 7.23 5.44 6.38
CA TRP A 215 7.99 5.44 5.13
C TRP A 215 9.22 4.61 5.39
N VAL A 216 9.90 4.93 6.48
CA VAL A 216 11.10 4.21 6.85
C VAL A 216 10.78 2.75 7.17
N GLY A 217 9.65 2.52 7.83
CA GLY A 217 9.25 1.15 8.18
C GLY A 217 8.89 0.30 6.97
N PRO A 218 8.00 0.78 6.10
CA PRO A 218 7.65 -0.03 4.94
C PRO A 218 8.84 -0.18 3.98
N PHE A 219 9.39 0.96 3.54
CA PHE A 219 10.54 0.95 2.64
C PHE A 219 11.65 0.04 3.16
N ILE A 220 11.78 -0.07 4.47
CA ILE A 220 12.78 -0.96 5.05
C ILE A 220 12.30 -2.41 4.83
N GLY A 221 11.06 -2.67 5.24
CA GLY A 221 10.49 -4.00 5.07
C GLY A 221 10.63 -4.45 3.63
N ALA A 222 10.38 -3.55 2.69
CA ALA A 222 10.54 -3.88 1.28
C ALA A 222 11.99 -4.31 1.06
N ALA A 223 12.93 -3.54 1.60
CA ALA A 223 14.34 -3.85 1.45
C ALA A 223 14.63 -5.24 1.97
N LEU A 224 14.13 -5.57 3.14
CA LEU A 224 14.35 -6.89 3.69
C LEU A 224 13.71 -7.95 2.80
N ALA A 225 12.64 -7.57 2.11
CA ALA A 225 11.92 -8.49 1.22
C ALA A 225 12.80 -8.84 0.04
N VAL A 226 13.17 -7.83 -0.75
CA VAL A 226 14.01 -8.02 -1.91
C VAL A 226 15.32 -8.72 -1.56
N LEU A 227 15.87 -8.43 -0.37
CA LEU A 227 17.12 -9.06 0.05
C LEU A 227 16.92 -10.56 0.28
N ILE A 228 15.84 -10.90 0.99
CA ILE A 228 15.54 -12.28 1.31
C ILE A 228 15.12 -13.17 0.14
N TYR A 229 14.34 -12.62 -0.79
CA TYR A 229 13.90 -13.39 -1.93
C TYR A 229 14.95 -13.46 -3.04
N ASP A 230 15.42 -12.28 -3.45
CA ASP A 230 16.41 -12.18 -4.53
C ASP A 230 17.82 -12.63 -4.24
N PHE A 231 18.22 -12.72 -2.97
CA PHE A 231 19.59 -13.13 -2.69
C PHE A 231 19.78 -14.30 -1.72
N ILE A 232 18.79 -14.53 -0.87
CA ILE A 232 18.92 -15.63 0.07
C ILE A 232 18.12 -16.87 -0.32
N LEU A 233 16.84 -16.69 -0.64
CA LEU A 233 16.00 -17.83 -0.97
C LEU A 233 15.78 -18.13 -2.45
N ALA A 234 15.59 -17.11 -3.29
CA ALA A 234 15.36 -17.33 -4.71
C ALA A 234 16.20 -16.39 -5.57
N PRO A 235 17.49 -16.70 -5.71
CA PRO A 235 18.40 -15.86 -6.50
C PRO A 235 18.34 -16.07 -8.02
N ARG A 236 18.61 -15.01 -8.76
CA ARG A 236 18.66 -15.08 -10.21
C ARG A 236 20.12 -15.42 -10.50
N SER A 237 20.37 -16.20 -11.55
CA SER A 237 21.73 -16.59 -11.89
C SER A 237 22.46 -15.59 -12.79
N SER A 238 21.95 -14.36 -12.84
CA SER A 238 22.58 -13.31 -13.65
C SER A 238 23.36 -12.36 -12.74
N ASP A 239 24.26 -11.59 -13.34
CA ASP A 239 25.07 -10.65 -12.58
C ASP A 239 24.37 -9.32 -12.33
N LEU A 240 24.82 -8.59 -11.32
CA LEU A 240 24.24 -7.31 -10.97
C LEU A 240 24.28 -6.26 -12.08
N THR A 241 25.47 -6.02 -12.63
CA THR A 241 25.66 -5.03 -13.68
C THR A 241 24.59 -5.09 -14.77
N ASP A 242 24.09 -6.28 -15.06
CA ASP A 242 23.07 -6.44 -16.09
C ASP A 242 21.65 -6.18 -15.57
N ARG A 243 21.40 -6.49 -14.30
CA ARG A 243 20.09 -6.24 -13.71
C ARG A 243 19.88 -4.74 -13.70
N VAL A 244 20.91 -4.03 -13.25
CA VAL A 244 20.91 -2.58 -13.16
C VAL A 244 20.43 -1.94 -14.45
N LYS A 245 20.76 -2.56 -15.58
CA LYS A 245 20.34 -2.04 -16.88
C LYS A 245 18.87 -1.66 -16.84
N VAL A 246 18.10 -2.42 -16.09
CA VAL A 246 16.66 -2.20 -15.95
C VAL A 246 16.34 -0.81 -15.37
N TRP A 247 17.29 -0.25 -14.63
CA TRP A 247 17.15 1.07 -14.01
C TRP A 247 16.70 2.13 -15.00
N THR A 248 17.14 2.01 -16.25
CA THR A 248 16.79 2.97 -17.28
C THR A 248 15.54 2.56 -18.06
N SER A 249 15.52 1.33 -18.55
CA SER A 249 14.38 0.82 -19.31
C SER A 249 14.06 -0.64 -18.96
#